data_3QFE
#
_entry.id   3QFE
#
_cell.length_a   89.760
_cell.length_b   89.760
_cell.length_c   371.460
_cell.angle_alpha   90.000
_cell.angle_beta   90.000
_cell.angle_gamma   120.000
#
_symmetry.space_group_name_H-M   'P 65 2 2'
#
loop_
_entity.id
_entity.type
_entity.pdbx_description
1 polymer 'Putative dihydrodipicolinate synthase family protein'
2 non-polymer 'CALCIUM ION'
3 non-polymer 'CHLORIDE ION'
4 non-polymer 1,2-ETHANEDIOL
5 water water
#
_entity_poly.entity_id   1
_entity_poly.type   'polypeptide(L)'
_entity_poly.pdbx_seq_one_letter_code
;GPGSMVPRVPQPGIWCPAVTFFDSKTDTLDLASQERYYAYLARSGLTGLVILGTNAEAFLLTREERAQLIATARKAVGPD
FPIMAGVGAHSTRQVLEHINDASVAGANYVLVLPPAYFGKATTPPVIKSFFDDVSCQSPLPVVIYNFPGVCNGIDLDSDM
ITTIARKNPNVVGVKLTCASVGKITRLAATLPPAAFSVFGGQSDFLIGGLSVGSAGCIAAFANVFPKTVSKIYELYKAGK
VDQAMELHRKAALAESPCKSGIATTKYAAAIFSAKAAGIEDAEEKLRPRKPYDPPSEAAKQEVRKVMAEVAAIEAGLS
;
_entity_poly.pdbx_strand_id   A,B
#
loop_
_chem_comp.id
_chem_comp.type
_chem_comp.name
_chem_comp.formula
CA non-polymer 'CALCIUM ION' 'Ca 2'
CL non-polymer 'CHLORIDE ION' 'Cl -1'
EDO non-polymer 1,2-ETHANEDIOL 'C2 H6 O2'
#
# COMPACT_ATOMS: atom_id res chain seq x y z
N MET A 5 27.98 17.98 -10.82
CA MET A 5 26.68 18.59 -11.27
C MET A 5 25.55 17.56 -11.10
N VAL A 6 24.32 18.05 -11.06
CA VAL A 6 23.16 17.21 -10.86
C VAL A 6 22.70 16.62 -12.19
N PRO A 7 22.51 15.28 -12.24
CA PRO A 7 22.10 14.64 -13.50
C PRO A 7 20.67 15.01 -13.92
N ARG A 8 20.42 14.88 -15.23
CA ARG A 8 19.12 15.09 -15.85
C ARG A 8 18.06 14.19 -15.21
N VAL A 9 18.42 12.93 -14.99
CA VAL A 9 17.53 11.95 -14.38
C VAL A 9 17.88 11.79 -12.89
N PRO A 10 16.90 11.98 -12.00
CA PRO A 10 17.09 12.03 -10.55
C PRO A 10 17.71 10.76 -10.01
N GLN A 11 18.71 10.91 -9.13
CA GLN A 11 19.47 9.76 -8.64
C GLN A 11 18.65 8.93 -7.67
N PRO A 12 18.62 7.61 -7.90
CA PRO A 12 18.18 6.66 -6.91
C PRO A 12 18.80 6.96 -5.56
N GLY A 13 18.04 6.76 -4.49
CA GLY A 13 18.53 7.03 -3.15
C GLY A 13 17.38 7.44 -2.27
N ILE A 14 17.70 8.09 -1.15
CA ILE A 14 16.73 8.51 -0.16
C ILE A 14 16.59 10.02 -0.21
N TRP A 15 15.35 10.46 -0.44
CA TRP A 15 15.02 11.87 -0.55
C TRP A 15 14.09 12.26 0.59
N CYS A 16 14.26 13.49 1.09
CA CYS A 16 13.37 13.99 2.13
C CYS A 16 12.48 15.15 1.67
N PRO A 17 11.16 15.02 1.86
CA PRO A 17 10.24 16.13 1.60
C PRO A 17 10.13 17.01 2.87
N ALA A 18 10.91 18.10 2.85
CA ALA A 18 11.16 18.91 4.04
C ALA A 18 9.91 19.64 4.55
N VAL A 19 9.76 19.70 5.87
CA VAL A 19 8.68 20.48 6.47
C VAL A 19 8.98 21.98 6.38
N THR A 20 7.99 22.83 6.69
CA THR A 20 8.13 24.28 6.62
C THR A 20 7.96 24.98 7.97
N PHE A 21 8.88 25.90 8.25
CA PHE A 21 8.90 26.69 9.46
C PHE A 21 8.11 28.00 9.29
N PHE A 22 7.26 28.35 10.28
CA PHE A 22 6.50 29.60 10.25
C PHE A 22 6.72 30.36 11.54
N ASP A 23 7.00 31.66 11.41
CA ASP A 23 6.95 32.53 12.57
C ASP A 23 5.47 32.70 12.94
N SER A 24 5.07 32.17 14.08
CA SER A 24 3.64 32.18 14.40
C SER A 24 3.05 33.56 14.72
N LYS A 25 3.84 34.46 15.29
CA LYS A 25 3.36 35.81 15.61
C LYS A 25 2.95 36.62 14.38
N THR A 26 3.65 36.41 13.26
CA THR A 26 3.43 37.17 12.04
C THR A 26 2.90 36.32 10.87
N ASP A 27 2.90 35.00 11.05
CA ASP A 27 2.48 34.08 10.00
C ASP A 27 3.27 34.28 8.71
N THR A 28 4.59 34.23 8.82
CA THR A 28 5.48 34.38 7.68
C THR A 28 6.45 33.24 7.78
N LEU A 29 7.13 32.96 6.68
CA LEU A 29 8.17 31.95 6.71
C LEU A 29 9.28 32.36 7.68
N ASP A 30 9.87 31.39 8.35
CA ASP A 30 11.09 31.66 9.14
C ASP A 30 12.28 31.10 8.34
N LEU A 31 12.82 31.91 7.45
CA LEU A 31 13.88 31.49 6.50
C LEU A 31 15.22 31.19 7.19
N ALA A 32 15.55 31.95 8.23
CA ALA A 32 16.79 31.66 8.97
C ALA A 32 16.72 30.25 9.56
N SER A 33 15.63 29.89 10.23
CA SER A 33 15.52 28.52 10.72
C SER A 33 15.46 27.51 9.57
N GLN A 34 14.68 27.83 8.54
CA GLN A 34 14.52 26.96 7.39
C GLN A 34 15.86 26.61 6.75
N GLU A 35 16.73 27.60 6.60
CA GLU A 35 18.05 27.35 6.00
C GLU A 35 18.89 26.39 6.88
N ARG A 36 18.91 26.61 8.20
CA ARG A 36 19.59 25.73 9.14
CA ARG A 36 19.61 25.75 9.13
C ARG A 36 19.12 24.31 9.00
N TYR A 37 17.80 24.15 8.86
CA TYR A 37 17.15 22.84 8.84
C TYR A 37 17.43 22.08 7.56
N TYR A 38 17.23 22.73 6.41
CA TYR A 38 17.56 22.14 5.12
C TYR A 38 19.04 21.72 5.05
N ALA A 39 19.93 22.59 5.56
CA ALA A 39 21.35 22.31 5.53
C ALA A 39 21.65 21.08 6.39
N TYR A 40 21.05 21.02 7.57
CA TYR A 40 21.24 19.87 8.43
C TYR A 40 20.78 18.57 7.73
N LEU A 41 19.60 18.60 7.09
CA LEU A 41 19.10 17.40 6.39
C LEU A 41 20.03 16.99 5.25
N ALA A 42 20.53 17.95 4.49
CA ALA A 42 21.38 17.59 3.34
C ALA A 42 22.71 17.02 3.77
N ARG A 43 23.11 17.31 5.00
CA ARG A 43 24.35 16.81 5.56
C ARG A 43 24.20 15.49 6.36
N SER A 44 23.01 14.88 6.25
CA SER A 44 22.74 13.65 7.00
C SER A 44 22.63 12.40 6.13
N GLY A 45 23.27 12.40 4.97
CA GLY A 45 23.32 11.20 4.17
C GLY A 45 22.20 11.10 3.12
N LEU A 46 21.41 12.15 2.96
CA LEU A 46 20.32 12.08 1.98
C LEU A 46 20.84 12.23 0.56
N THR A 47 20.12 11.65 -0.37
CA THR A 47 20.46 11.83 -1.78
C THR A 47 20.00 13.21 -2.30
N GLY A 48 18.83 13.66 -1.89
CA GLY A 48 18.32 14.94 -2.34
C GLY A 48 17.18 15.41 -1.47
N LEU A 49 16.77 16.66 -1.68
CA LEU A 49 15.60 17.23 -1.01
C LEU A 49 14.43 17.45 -1.98
N VAL A 50 13.25 17.11 -1.49
CA VAL A 50 12.04 17.51 -2.13
C VAL A 50 11.50 18.73 -1.40
N ILE A 51 11.49 19.86 -2.09
CA ILE A 51 10.99 21.10 -1.52
C ILE A 51 9.60 21.37 -2.09
N LEU A 52 8.66 21.68 -1.21
CA LEU A 52 7.29 21.99 -1.59
C LEU A 52 6.54 20.72 -1.92
N GLY A 53 6.93 19.61 -1.32
CA GLY A 53 6.08 18.41 -1.32
C GLY A 53 4.86 18.70 -0.48
N THR A 54 4.02 17.68 -0.29
CA THR A 54 2.78 17.84 0.49
C THR A 54 3.07 18.10 1.98
N ASN A 55 4.15 17.49 2.48
CA ASN A 55 4.64 17.70 3.84
C ASN A 55 5.06 19.14 4.17
N ALA A 56 5.35 19.93 3.14
CA ALA A 56 5.82 21.30 3.32
C ALA A 56 4.65 22.28 3.35
N GLU A 57 3.41 21.74 3.28
CA GLU A 57 2.21 22.56 3.23
C GLU A 57 2.30 23.54 2.03
N ALA A 58 2.81 23.05 0.91
CA ALA A 58 2.99 23.88 -0.27
C ALA A 58 1.69 24.56 -0.70
N PHE A 59 0.57 23.86 -0.54
CA PHE A 59 -0.70 24.43 -0.96
C PHE A 59 -1.21 25.55 -0.06
N LEU A 60 -0.53 25.80 1.06
CA LEU A 60 -0.85 26.88 2.00
C LEU A 60 0.03 28.13 1.79
N LEU A 61 0.89 28.05 0.79
CA LEU A 61 1.90 29.07 0.50
C LEU A 61 1.47 30.02 -0.63
N THR A 62 1.93 31.25 -0.56
CA THR A 62 1.74 32.14 -1.71
C THR A 62 2.82 31.79 -2.74
N ARG A 63 2.62 32.22 -3.98
CA ARG A 63 3.59 32.00 -5.05
C ARG A 63 4.98 32.48 -4.66
N GLU A 64 5.06 33.67 -4.08
CA GLU A 64 6.32 34.23 -3.65
C GLU A 64 7.00 33.40 -2.54
N GLU A 65 6.21 32.88 -1.61
CA GLU A 65 6.77 32.05 -0.55
C GLU A 65 7.36 30.77 -1.12
N ARG A 66 6.66 30.19 -2.09
CA ARG A 66 7.15 29.02 -2.78
C ARG A 66 8.54 29.22 -3.33
N ALA A 67 8.74 30.34 -4.03
CA ALA A 67 10.03 30.68 -4.65
C ALA A 67 11.13 30.93 -3.61
N GLN A 68 10.78 31.57 -2.50
CA GLN A 68 11.75 31.86 -1.44
C GLN A 68 12.23 30.55 -0.83
N LEU A 69 11.33 29.59 -0.69
CA LEU A 69 11.74 28.34 -0.07
C LEU A 69 12.70 27.59 -0.96
N ILE A 70 12.44 27.59 -2.28
CA ILE A 70 13.32 26.91 -3.20
C ILE A 70 14.69 27.56 -3.15
N ALA A 71 14.72 28.89 -3.23
CA ALA A 71 15.98 29.66 -3.19
C ALA A 71 16.73 29.42 -1.88
N THR A 72 15.98 29.34 -0.78
CA THR A 72 16.56 29.08 0.52
C THR A 72 17.13 27.64 0.56
N ALA A 73 16.39 26.67 0.00
CA ALA A 73 16.90 25.32 -0.13
C ALA A 73 18.23 25.33 -0.87
N ARG A 74 18.27 25.93 -2.06
CA ARG A 74 19.52 25.94 -2.86
C ARG A 74 20.71 26.54 -2.09
N LYS A 75 20.48 27.65 -1.38
CA LYS A 75 21.52 28.28 -0.57
C LYS A 75 21.98 27.34 0.56
N ALA A 76 21.05 26.61 1.17
CA ALA A 76 21.38 25.72 2.29
C ALA A 76 22.24 24.54 1.89
N VAL A 77 22.05 24.03 0.66
CA VAL A 77 22.66 22.74 0.26
C VAL A 77 23.85 22.90 -0.74
N GLY A 78 23.97 24.08 -1.36
CA GLY A 78 25.02 24.31 -2.33
C GLY A 78 24.61 23.83 -3.72
N PRO A 79 25.45 24.10 -4.74
CA PRO A 79 25.06 23.86 -6.13
C PRO A 79 25.07 22.40 -6.61
N ASP A 80 25.68 21.51 -5.84
CA ASP A 80 25.85 20.09 -6.21
C ASP A 80 24.87 19.10 -5.56
N PHE A 81 23.96 19.59 -4.69
CA PHE A 81 22.99 18.75 -4.04
C PHE A 81 21.61 18.91 -4.70
N PRO A 82 20.98 17.79 -5.10
CA PRO A 82 19.77 17.78 -5.91
C PRO A 82 18.55 18.32 -5.17
N ILE A 83 17.80 19.17 -5.85
CA ILE A 83 16.57 19.67 -5.32
C ILE A 83 15.43 19.43 -6.30
N MET A 84 14.37 18.80 -5.82
CA MET A 84 13.17 18.54 -6.57
C MET A 84 12.09 19.41 -5.97
N ALA A 85 11.47 20.25 -6.78
CA ALA A 85 10.48 21.17 -6.28
C ALA A 85 9.08 20.75 -6.69
N GLY A 86 8.17 20.69 -5.72
CA GLY A 86 6.75 20.46 -6.01
C GLY A 86 6.18 21.71 -6.65
N VAL A 87 5.35 21.52 -7.67
CA VAL A 87 4.82 22.63 -8.46
C VAL A 87 3.35 22.48 -8.76
N GLY A 88 2.70 21.49 -8.16
CA GLY A 88 1.31 21.17 -8.51
C GLY A 88 0.30 22.27 -8.21
N ALA A 89 -0.73 22.34 -9.04
CA ALA A 89 -1.73 23.40 -8.97
C ALA A 89 -2.94 22.94 -9.75
N HIS A 90 -3.88 23.84 -9.93
CA HIS A 90 -5.13 23.50 -10.61
C HIS A 90 -5.13 23.65 -12.13
N SER A 91 -4.48 24.66 -12.66
CA SER A 91 -4.40 24.84 -14.11
C SER A 91 -2.97 24.73 -14.64
N THR A 92 -2.84 24.50 -15.94
CA THR A 92 -1.56 24.51 -16.63
C THR A 92 -0.83 25.84 -16.46
N ARG A 93 -1.58 26.93 -16.46
CA ARG A 93 -0.99 28.25 -16.29
C ARG A 93 -0.28 28.37 -14.94
N GLN A 94 -0.97 27.97 -13.87
CA GLN A 94 -0.38 28.01 -12.53
C GLN A 94 0.82 27.10 -12.41
N VAL A 95 0.72 25.89 -12.96
CA VAL A 95 1.84 24.95 -12.95
C VAL A 95 3.07 25.50 -13.66
N LEU A 96 2.89 26.11 -14.84
CA LEU A 96 4.01 26.70 -15.58
C LEU A 96 4.65 27.89 -14.87
N GLU A 97 3.83 28.71 -14.23
CA GLU A 97 4.36 29.81 -13.43
C GLU A 97 5.22 29.27 -12.26
N HIS A 98 4.69 28.29 -11.51
CA HIS A 98 5.49 27.63 -10.46
C HIS A 98 6.76 27.03 -11.01
N ILE A 99 6.66 26.30 -12.13
CA ILE A 99 7.86 25.72 -12.71
C ILE A 99 8.91 26.78 -13.05
N ASN A 100 8.51 27.83 -13.77
CA ASN A 100 9.45 28.90 -14.11
CA ASN A 100 9.44 28.93 -14.12
C ASN A 100 10.03 29.58 -12.87
N ASP A 101 9.20 29.78 -11.85
CA ASP A 101 9.69 30.31 -10.57
C ASP A 101 10.75 29.37 -9.99
N ALA A 102 10.47 28.06 -10.04
CA ALA A 102 11.37 27.04 -9.48
C ALA A 102 12.70 27.03 -10.20
N SER A 103 12.64 27.16 -11.52
CA SER A 103 13.81 27.18 -12.35
C SER A 103 14.70 28.36 -11.97
N VAL A 104 14.12 29.56 -11.93
CA VAL A 104 14.86 30.75 -11.53
C VAL A 104 15.45 30.62 -10.08
N ALA A 105 14.72 29.98 -9.19
CA ALA A 105 15.16 29.90 -7.80
C ALA A 105 16.22 28.83 -7.57
N GLY A 106 16.49 28.00 -8.57
CA GLY A 106 17.58 27.02 -8.51
C GLY A 106 17.24 25.54 -8.40
N ALA A 107 15.97 25.14 -8.56
CA ALA A 107 15.62 23.70 -8.54
C ALA A 107 16.25 22.91 -9.71
N ASN A 108 16.44 21.59 -9.56
CA ASN A 108 16.97 20.74 -10.65
C ASN A 108 15.84 20.00 -11.38
N TYR A 109 14.79 19.70 -10.63
CA TYR A 109 13.66 18.96 -11.14
C TYR A 109 12.36 19.53 -10.59
N VAL A 110 11.26 19.31 -11.30
CA VAL A 110 9.97 19.69 -10.78
C VAL A 110 9.09 18.47 -10.64
N LEU A 111 8.34 18.45 -9.55
CA LEU A 111 7.47 17.35 -9.22
C LEU A 111 6.00 17.75 -9.42
N VAL A 112 5.32 17.10 -10.35
CA VAL A 112 4.06 17.61 -10.89
C VAL A 112 2.86 16.69 -10.62
N LEU A 113 1.92 17.15 -9.78
CA LEU A 113 0.60 16.51 -9.62
C LEU A 113 -0.21 16.57 -10.90
N PRO A 114 -1.05 15.53 -11.13
CA PRO A 114 -1.97 15.65 -12.24
C PRO A 114 -3.01 16.73 -11.93
N PRO A 115 -3.68 17.25 -12.95
CA PRO A 115 -4.57 18.36 -12.62
C PRO A 115 -5.82 17.85 -11.89
N ALA A 116 -6.14 18.43 -10.74
CA ALA A 116 -7.38 18.10 -10.02
C ALA A 116 -8.14 19.36 -9.60
N TYR A 117 -9.45 19.38 -9.87
CA TYR A 117 -10.30 20.55 -9.64
C TYR A 117 -11.70 20.15 -9.14
N ALA A 121 -11.45 14.92 -9.63
CA ALA A 121 -11.25 13.79 -10.56
C ALA A 121 -11.50 14.20 -12.01
N THR A 122 -10.40 14.40 -12.74
CA THR A 122 -10.39 14.75 -14.17
C THR A 122 -10.36 13.51 -15.10
N THR A 123 -10.62 13.68 -16.40
CA THR A 123 -10.58 12.56 -17.37
C THR A 123 -9.17 12.26 -17.91
N PRO A 124 -8.98 11.06 -18.51
CA PRO A 124 -7.65 10.59 -18.99
C PRO A 124 -7.03 11.28 -20.21
N PRO A 125 -7.83 11.73 -21.20
CA PRO A 125 -7.17 12.55 -22.22
C PRO A 125 -6.76 13.95 -21.71
N VAL A 126 -7.47 14.44 -20.69
CA VAL A 126 -7.13 15.68 -19.99
C VAL A 126 -5.79 15.55 -19.24
N ILE A 127 -5.66 14.49 -18.45
CA ILE A 127 -4.41 14.15 -17.79
C ILE A 127 -3.29 14.04 -18.82
N LYS A 128 -3.50 13.23 -19.86
CA LYS A 128 -2.45 12.98 -20.85
C LYS A 128 -2.00 14.27 -21.53
N SER A 129 -2.94 15.07 -22.03
CA SER A 129 -2.58 16.33 -22.69
C SER A 129 -1.90 17.35 -21.75
N PHE A 130 -2.30 17.36 -20.49
CA PHE A 130 -1.67 18.17 -19.47
C PHE A 130 -0.17 17.86 -19.32
N PHE A 131 0.13 16.59 -19.05
CA PHE A 131 1.53 16.18 -18.93
C PHE A 131 2.34 16.38 -20.20
N ASP A 132 1.75 16.09 -21.36
CA ASP A 132 2.35 16.42 -22.66
C ASP A 132 2.73 17.92 -22.77
N ASP A 133 1.77 18.78 -22.46
CA ASP A 133 1.96 20.23 -22.52
C ASP A 133 3.01 20.72 -21.50
N VAL A 134 2.94 20.17 -20.29
CA VAL A 134 3.85 20.56 -19.25
C VAL A 134 5.30 20.16 -19.52
N SER A 135 5.54 18.91 -19.91
CA SER A 135 6.92 18.42 -20.18
C SER A 135 7.57 19.23 -21.27
N CYS A 136 6.80 19.42 -22.32
CA CYS A 136 7.22 20.16 -23.48
C CYS A 136 7.57 21.64 -23.18
N GLN A 137 6.82 22.30 -22.30
CA GLN A 137 7.08 23.72 -22.00
C GLN A 137 8.06 23.95 -20.86
N SER A 138 8.28 22.91 -20.04
CA SER A 138 9.04 23.04 -18.81
C SER A 138 10.54 23.14 -19.07
N PRO A 139 11.18 24.14 -18.46
CA PRO A 139 12.63 24.27 -18.56
C PRO A 139 13.38 23.29 -17.68
N LEU A 140 12.68 22.58 -16.81
CA LEU A 140 13.30 21.61 -15.92
C LEU A 140 12.73 20.19 -16.18
N PRO A 141 13.53 19.15 -15.93
CA PRO A 141 13.00 17.77 -16.07
C PRO A 141 11.82 17.50 -15.11
N VAL A 142 10.87 16.69 -15.55
CA VAL A 142 9.59 16.53 -14.86
C VAL A 142 9.43 15.15 -14.19
N VAL A 143 9.06 15.14 -12.92
CA VAL A 143 8.70 13.91 -12.22
C VAL A 143 7.18 13.93 -11.95
N ILE A 144 6.49 12.92 -12.45
CA ILE A 144 5.06 12.76 -12.24
C ILE A 144 4.86 12.52 -10.77
N TYR A 145 3.93 13.27 -10.18
CA TYR A 145 3.59 13.14 -8.77
C TYR A 145 2.22 12.51 -8.72
N ASN A 146 2.19 11.22 -8.41
CA ASN A 146 0.95 10.50 -8.33
C ASN A 146 0.43 10.50 -6.90
N PHE A 147 -0.48 11.43 -6.56
CA PHE A 147 -1.08 11.44 -5.23
C PHE A 147 -2.62 11.35 -5.26
N PRO A 148 -3.17 10.12 -5.14
CA PRO A 148 -4.65 9.95 -5.13
C PRO A 148 -5.32 10.04 -3.74
N GLY A 153 -9.31 13.05 -6.10
CA GLY A 153 -7.98 13.06 -6.73
C GLY A 153 -7.71 11.77 -7.50
N ILE A 154 -7.33 11.91 -8.78
CA ILE A 154 -7.15 10.78 -9.71
C ILE A 154 -5.90 9.93 -9.43
N ASP A 155 -5.98 8.63 -9.72
CA ASP A 155 -4.84 7.72 -9.58
C ASP A 155 -4.36 7.17 -10.93
N LEU A 156 -3.08 7.38 -11.22
CA LEU A 156 -2.49 6.98 -12.50
C LEU A 156 -1.89 5.58 -12.47
N ASP A 157 -2.44 4.68 -13.28
CA ASP A 157 -1.91 3.31 -13.35
C ASP A 157 -0.69 3.25 -14.26
N SER A 158 -0.09 2.07 -14.36
CA SER A 158 1.12 1.86 -15.16
C SER A 158 1.03 2.23 -16.63
N ASP A 159 -0.18 2.08 -17.20
CA ASP A 159 -0.45 2.34 -18.61
C ASP A 159 -0.26 3.82 -18.97
N MET A 160 -0.94 4.70 -18.22
CA MET A 160 -0.84 6.15 -18.40
C MET A 160 0.59 6.68 -18.17
N ILE A 161 1.25 6.18 -17.13
CA ILE A 161 2.61 6.63 -16.80
C ILE A 161 3.58 6.30 -17.93
N THR A 162 3.51 5.07 -18.43
CA THR A 162 4.36 4.61 -19.53
C THR A 162 4.06 5.39 -20.80
N THR A 163 2.78 5.55 -21.11
CA THR A 163 2.36 6.36 -22.23
C THR A 163 2.98 7.77 -22.12
N ILE A 164 2.75 8.44 -20.97
CA ILE A 164 3.27 9.79 -20.77
C ILE A 164 4.78 9.86 -20.92
N ALA A 165 5.49 8.88 -20.35
CA ALA A 165 6.95 8.88 -20.36
C ALA A 165 7.55 8.61 -21.75
N ARG A 166 6.93 7.74 -22.53
CA ARG A 166 7.45 7.38 -23.86
C ARG A 166 7.29 8.53 -24.85
N LYS A 167 6.22 9.32 -24.68
CA LYS A 167 5.96 10.48 -25.54
C LYS A 167 6.75 11.73 -25.12
N ASN A 168 7.37 11.69 -23.93
CA ASN A 168 7.95 12.88 -23.33
C ASN A 168 9.31 12.66 -22.68
N PRO A 169 10.42 12.78 -23.45
CA PRO A 169 11.77 12.51 -22.93
C PRO A 169 12.19 13.47 -21.80
N ASN A 170 11.47 14.58 -21.64
CA ASN A 170 11.71 15.47 -20.52
C ASN A 170 11.02 14.98 -19.23
N VAL A 171 10.26 13.90 -19.33
CA VAL A 171 9.70 13.27 -18.14
C VAL A 171 10.71 12.24 -17.68
N VAL A 172 11.17 12.39 -16.45
CA VAL A 172 12.28 11.59 -15.95
C VAL A 172 11.99 10.73 -14.70
N GLY A 173 10.73 10.62 -14.30
CA GLY A 173 10.39 9.77 -13.18
C GLY A 173 8.96 9.92 -12.72
N VAL A 174 8.60 9.23 -11.64
CA VAL A 174 7.28 9.26 -11.04
C VAL A 174 7.50 9.06 -9.53
N LYS A 175 6.80 9.80 -8.68
CA LYS A 175 6.66 9.45 -7.28
C LYS A 175 5.32 8.76 -7.12
N LEU A 176 5.34 7.49 -6.70
CA LEU A 176 4.13 6.75 -6.35
C LEU A 176 3.92 6.84 -4.84
N THR A 177 2.76 7.28 -4.38
CA THR A 177 2.57 7.51 -2.94
C THR A 177 2.34 6.20 -2.23
N CYS A 178 1.39 5.42 -2.74
CA CYS A 178 1.16 4.04 -2.31
C CYS A 178 1.70 3.10 -3.39
N ALA A 179 3.01 2.86 -3.36
CA ALA A 179 3.66 2.01 -4.37
C ALA A 179 3.58 0.55 -3.97
N SER A 180 3.22 -0.27 -4.94
CA SER A 180 3.21 -1.71 -4.79
C SER A 180 4.47 -2.30 -5.43
N VAL A 181 4.76 -3.56 -5.08
CA VAL A 181 5.79 -4.37 -5.73
C VAL A 181 5.40 -4.65 -7.19
N GLY A 182 4.11 -4.86 -7.43
CA GLY A 182 3.61 -5.06 -8.79
C GLY A 182 3.79 -3.84 -9.65
N LYS A 183 3.43 -2.66 -9.12
CA LYS A 183 3.50 -1.42 -9.87
C LYS A 183 4.93 -1.09 -10.25
N ILE A 184 5.83 -1.19 -9.27
CA ILE A 184 7.24 -0.93 -9.52
C ILE A 184 7.79 -1.80 -10.63
N THR A 185 7.52 -3.10 -10.52
CA THR A 185 8.03 -4.09 -11.45
C THR A 185 7.57 -3.79 -12.88
N ARG A 186 6.27 -3.58 -13.06
CA ARG A 186 5.68 -3.22 -14.35
C ARG A 186 6.38 -2.02 -15.00
N LEU A 187 6.62 -0.98 -14.21
CA LEU A 187 7.33 0.22 -14.68
C LEU A 187 8.76 -0.07 -15.11
N ALA A 188 9.52 -0.76 -14.25
CA ALA A 188 10.86 -1.27 -14.60
C ALA A 188 10.90 -2.02 -15.95
N ALA A 189 9.88 -2.83 -16.23
CA ALA A 189 9.89 -3.69 -17.42
C ALA A 189 9.70 -2.90 -18.72
N THR A 190 9.20 -1.68 -18.60
CA THR A 190 8.84 -0.88 -19.75
C THR A 190 9.73 0.36 -19.87
N LEU A 191 10.26 0.81 -18.73
CA LEU A 191 11.06 2.04 -18.70
C LEU A 191 12.45 1.79 -18.12
N PRO A 192 13.50 1.99 -18.95
CA PRO A 192 14.86 1.73 -18.47
C PRO A 192 15.27 2.74 -17.41
N PRO A 193 16.06 2.30 -16.39
CA PRO A 193 16.42 3.15 -15.25
C PRO A 193 17.22 4.38 -15.66
N ALA A 194 17.97 4.28 -16.74
CA ALA A 194 18.86 5.37 -17.18
C ALA A 194 18.10 6.57 -17.71
N ALA A 195 16.83 6.38 -18.03
CA ALA A 195 15.98 7.46 -18.53
C ALA A 195 14.83 7.82 -17.58
N PHE A 196 14.70 7.12 -16.45
CA PHE A 196 13.47 7.22 -15.67
C PHE A 196 13.65 6.59 -14.29
N SER A 197 13.25 7.31 -13.24
CA SER A 197 13.44 6.88 -11.85
C SER A 197 12.08 6.71 -11.18
N VAL A 198 11.82 5.52 -10.64
CA VAL A 198 10.61 5.31 -9.87
C VAL A 198 10.88 5.55 -8.37
N PHE A 199 10.03 6.32 -7.72
CA PHE A 199 10.20 6.53 -6.29
C PHE A 199 8.96 6.04 -5.58
N GLY A 200 9.16 5.28 -4.53
CA GLY A 200 8.08 4.94 -3.60
C GLY A 200 8.00 6.10 -2.65
N GLY A 201 6.85 6.27 -2.00
CA GLY A 201 6.66 7.35 -1.03
C GLY A 201 6.70 6.81 0.39
N GLN A 202 6.84 5.51 0.53
CA GLN A 202 6.74 4.86 1.83
C GLN A 202 8.08 4.23 2.19
N SER A 203 8.60 4.61 3.36
CA SER A 203 9.77 3.97 3.98
C SER A 203 9.48 2.49 4.26
N ASP A 204 8.29 2.21 4.79
CA ASP A 204 7.80 0.84 5.02
C ASP A 204 7.59 0.00 3.73
N PHE A 205 7.69 0.63 2.57
CA PHE A 205 7.59 -0.10 1.30
C PHE A 205 8.98 -0.50 0.81
N LEU A 206 9.97 0.30 1.23
CA LEU A 206 11.35 0.29 0.69
C LEU A 206 12.11 -1.05 0.79
N ILE A 207 11.80 -1.85 1.81
CA ILE A 207 12.31 -3.23 1.87
C ILE A 207 12.14 -3.85 0.49
N GLY A 208 10.88 -4.15 0.16
CA GLY A 208 10.51 -4.67 -1.15
C GLY A 208 10.68 -3.65 -2.25
N GLY A 209 10.44 -2.37 -1.93
CA GLY A 209 10.62 -1.26 -2.87
C GLY A 209 11.87 -1.39 -3.72
N LEU A 210 13.04 -1.31 -3.08
CA LEU A 210 14.35 -1.42 -3.76
C LEU A 210 14.73 -2.83 -4.26
N SER A 211 14.26 -3.88 -3.57
CA SER A 211 14.60 -5.27 -3.94
C SER A 211 14.13 -5.66 -5.35
N VAL A 212 13.22 -4.87 -5.91
CA VAL A 212 12.75 -5.04 -7.29
C VAL A 212 13.19 -3.89 -8.24
N GLY A 213 14.08 -3.02 -7.77
CA GLY A 213 14.65 -1.96 -8.61
C GLY A 213 13.87 -0.66 -8.71
N SER A 214 13.40 -0.15 -7.58
CA SER A 214 12.95 1.23 -7.51
C SER A 214 14.20 2.10 -7.52
N ALA A 215 14.04 3.38 -7.75
CA ALA A 215 15.16 4.31 -7.60
C ALA A 215 15.22 4.68 -6.13
N GLY A 216 14.33 4.07 -5.35
CA GLY A 216 14.28 4.37 -3.92
C GLY A 216 13.03 5.13 -3.54
N CYS A 217 13.23 6.10 -2.67
CA CYS A 217 12.18 6.48 -1.74
C CYS A 217 12.20 7.96 -1.41
N ILE A 218 11.02 8.56 -1.33
CA ILE A 218 10.86 9.94 -0.85
C ILE A 218 10.09 9.84 0.47
N ALA A 219 10.82 9.89 1.58
CA ALA A 219 10.27 9.49 2.89
C ALA A 219 10.04 10.64 3.88
N ALA A 220 8.78 10.96 4.14
CA ALA A 220 8.38 11.92 5.19
C ALA A 220 9.20 11.78 6.47
N PHE A 221 9.48 10.53 6.85
CA PHE A 221 10.10 10.21 8.13
C PHE A 221 11.59 10.54 8.17
N ALA A 222 12.17 10.80 7.00
CA ALA A 222 13.55 11.24 6.90
C ALA A 222 13.66 12.68 7.40
N ASN A 223 12.53 13.37 7.54
CA ASN A 223 12.49 14.66 8.26
C ASN A 223 12.90 14.48 9.70
N VAL A 224 12.51 13.35 10.28
CA VAL A 224 12.67 13.15 11.70
C VAL A 224 14.02 12.53 12.08
N PHE A 225 14.37 11.43 11.39
CA PHE A 225 15.63 10.72 11.63
C PHE A 225 16.36 10.47 10.31
N PRO A 226 16.94 11.51 9.72
CA PRO A 226 17.48 11.32 8.39
C PRO A 226 18.67 10.37 8.32
N LYS A 227 19.53 10.34 9.34
CA LYS A 227 20.71 9.46 9.33
C LYS A 227 20.28 8.01 9.35
N THR A 228 19.30 7.71 10.22
CA THR A 228 18.74 6.36 10.30
C THR A 228 18.16 5.92 8.96
N VAL A 229 17.32 6.74 8.36
CA VAL A 229 16.71 6.34 7.10
C VAL A 229 17.79 6.16 6.03
N SER A 230 18.81 7.01 6.01
CA SER A 230 19.91 6.83 5.07
C SER A 230 20.71 5.59 5.38
N LYS A 231 20.90 5.27 6.66
CA LYS A 231 21.62 4.04 7.01
C LYS A 231 20.88 2.83 6.45
N ILE A 232 19.56 2.82 6.55
CA ILE A 232 18.78 1.69 6.02
C ILE A 232 19.09 1.49 4.53
N TYR A 233 18.94 2.55 3.75
CA TYR A 233 19.32 2.50 2.34
C TYR A 233 20.76 2.02 2.15
N GLU A 234 21.70 2.61 2.88
CA GLU A 234 23.13 2.30 2.71
C GLU A 234 23.42 0.82 2.97
N LEU A 235 22.75 0.23 3.95
CA LEU A 235 22.98 -1.17 4.23
C LEU A 235 22.50 -2.05 3.09
N TYR A 236 21.32 -1.75 2.55
CA TYR A 236 20.79 -2.49 1.39
C TYR A 236 21.75 -2.46 0.20
N LYS A 237 22.24 -1.27 -0.16
CA LYS A 237 23.15 -1.10 -1.30
C LYS A 237 24.51 -1.79 -1.06
N ALA A 238 24.86 -2.02 0.20
CA ALA A 238 26.07 -2.73 0.57
C ALA A 238 25.87 -4.25 0.55
N GLY A 239 24.62 -4.68 0.39
CA GLY A 239 24.26 -6.10 0.49
C GLY A 239 24.14 -6.62 1.93
N LYS A 240 24.41 -5.75 2.92
CA LYS A 240 24.29 -6.15 4.32
C LYS A 240 22.80 -6.21 4.74
N VAL A 241 22.06 -7.10 4.06
CA VAL A 241 20.58 -7.15 4.08
C VAL A 241 19.96 -7.55 5.42
N ASP A 242 20.71 -8.29 6.23
CA ASP A 242 20.29 -8.72 7.58
C ASP A 242 20.08 -7.54 8.53
N GLN A 243 21.12 -6.72 8.71
CA GLN A 243 21.00 -5.58 9.63
C GLN A 243 20.10 -4.47 9.07
N ALA A 244 20.07 -4.34 7.75
CA ALA A 244 19.17 -3.42 7.07
C ALA A 244 17.72 -3.63 7.46
N MET A 245 17.29 -4.90 7.40
CA MET A 245 15.90 -5.28 7.72
C MET A 245 15.59 -5.10 9.21
N GLU A 246 16.54 -5.48 10.07
CA GLU A 246 16.41 -5.25 11.51
C GLU A 246 16.24 -3.76 11.84
N LEU A 247 17.05 -2.89 11.22
CA LEU A 247 16.93 -1.44 11.44
C LEU A 247 15.66 -0.86 10.79
N HIS A 248 15.36 -1.35 9.58
CA HIS A 248 14.13 -0.99 8.87
C HIS A 248 12.90 -1.27 9.72
N ARG A 249 12.90 -2.44 10.36
CA ARG A 249 11.82 -2.84 11.24
C ARG A 249 11.58 -1.80 12.35
N LYS A 250 12.63 -1.49 13.10
CA LYS A 250 12.58 -0.47 14.15
C LYS A 250 12.05 0.87 13.65
N ALA A 251 12.50 1.26 12.47
CA ALA A 251 12.13 2.55 11.89
C ALA A 251 10.68 2.54 11.43
N ALA A 252 10.22 1.42 10.88
CA ALA A 252 8.83 1.31 10.43
C ALA A 252 7.88 1.37 11.63
N LEU A 253 8.29 0.75 12.73
CA LEU A 253 7.58 0.81 14.01
C LEU A 253 7.43 2.25 14.49
N ALA A 254 8.52 3.01 14.43
CA ALA A 254 8.56 4.37 14.91
C ALA A 254 7.74 5.32 14.02
N GLU A 255 7.59 4.96 12.75
CA GLU A 255 6.86 5.77 11.79
C GLU A 255 5.32 5.81 11.99
N SER A 256 4.79 4.86 12.76
CA SER A 256 3.36 4.79 13.13
C SER A 256 2.53 6.10 12.98
N PRO A 257 2.77 7.11 13.86
CA PRO A 257 1.99 8.38 13.79
C PRO A 257 1.90 9.06 12.40
N CYS A 258 0.72 8.95 11.77
CA CYS A 258 0.42 9.63 10.50
C CYS A 258 -1.10 9.83 10.37
N GLY A 261 -1.45 13.02 10.18
CA GLY A 261 -0.61 13.37 9.02
C GLY A 261 0.37 14.48 9.37
N ILE A 262 0.24 15.61 8.65
CA ILE A 262 1.25 16.68 8.63
C ILE A 262 1.60 17.28 10.01
N ALA A 263 0.60 17.54 10.84
CA ALA A 263 0.84 18.15 12.12
C ALA A 263 1.72 17.29 13.05
N THR A 264 1.55 15.97 12.96
CA THR A 264 2.32 15.04 13.78
C THR A 264 3.76 14.97 13.27
N THR A 265 3.93 14.88 11.96
CA THR A 265 5.24 14.87 11.34
C THR A 265 6.04 16.14 11.68
N LYS A 266 5.43 17.32 11.50
CA LYS A 266 6.08 18.59 11.90
C LYS A 266 6.53 18.59 13.36
N TYR A 267 5.70 18.05 14.25
CA TYR A 267 6.01 18.04 15.68
C TYR A 267 7.18 17.08 15.98
N ALA A 268 7.21 15.95 15.28
CA ALA A 268 8.31 14.99 15.47
C ALA A 268 9.62 15.63 15.01
N ALA A 269 9.59 16.30 13.86
CA ALA A 269 10.76 17.02 13.38
C ALA A 269 11.17 18.09 14.39
N ALA A 270 10.18 18.76 14.99
CA ALA A 270 10.47 19.81 15.95
C ALA A 270 11.29 19.27 17.11
N ILE A 271 10.99 18.06 17.59
CA ILE A 271 11.65 17.64 18.82
C ILE A 271 12.83 16.73 18.58
N PHE A 272 13.01 16.28 17.35
CA PHE A 272 14.14 15.45 17.04
C PHE A 272 15.13 16.18 16.15
N SER A 273 14.88 16.17 14.83
CA SER A 273 15.82 16.75 13.87
C SER A 273 16.04 18.27 14.00
N ALA A 274 14.98 19.03 14.22
CA ALA A 274 15.11 20.50 14.34
C ALA A 274 15.95 20.89 15.56
N LYS A 275 15.70 20.25 16.70
CA LYS A 275 16.55 20.40 17.86
C LYS A 275 17.98 19.97 17.55
N ALA A 276 18.16 18.86 16.85
CA ALA A 276 19.54 18.44 16.51
C ALA A 276 20.22 19.50 15.64
N ALA A 277 19.42 20.23 14.87
CA ALA A 277 19.90 21.27 13.96
C ALA A 277 20.12 22.61 14.69
N GLY A 278 19.91 22.63 16.01
CA GLY A 278 20.10 23.83 16.81
C GLY A 278 19.11 24.97 16.54
N ILE A 279 17.89 24.61 16.21
CA ILE A 279 16.84 25.60 15.99
C ILE A 279 16.07 25.76 17.29
N GLU A 280 16.09 26.96 17.84
CA GLU A 280 15.39 27.30 19.10
C GLU A 280 13.86 27.39 18.88
N ASP A 281 13.09 27.01 19.91
CA ASP A 281 11.61 27.12 19.89
C ASP A 281 11.04 26.40 18.67
N ALA A 282 11.62 25.25 18.31
CA ALA A 282 11.27 24.58 17.06
C ALA A 282 9.80 24.19 17.05
N GLU A 283 9.28 23.86 18.23
CA GLU A 283 7.91 23.44 18.35
C GLU A 283 6.89 24.52 17.96
N GLU A 284 7.17 25.78 18.29
CA GLU A 284 6.24 26.86 17.92
C GLU A 284 6.31 27.10 16.43
N LYS A 285 7.50 26.99 15.84
CA LYS A 285 7.78 27.31 14.46
C LYS A 285 7.28 26.23 13.50
N LEU A 286 7.03 25.06 14.06
CA LEU A 286 6.56 23.93 13.29
C LEU A 286 5.10 23.55 13.59
N ARG A 287 4.35 24.51 14.15
CA ARG A 287 2.89 24.47 14.05
C ARG A 287 2.45 24.45 12.59
N PRO A 288 1.36 23.74 12.29
CA PRO A 288 0.72 23.89 11.00
C PRO A 288 0.33 25.35 10.77
N ARG A 289 0.28 25.80 9.53
CA ARG A 289 -0.07 27.18 9.27
C ARG A 289 -1.53 27.44 9.65
N LYS A 290 -1.78 28.60 10.24
CA LYS A 290 -3.11 29.13 10.48
C LYS A 290 -4.05 28.89 9.31
N PRO A 291 -5.31 28.51 9.58
CA PRO A 291 -5.94 28.34 10.88
C PRO A 291 -5.87 26.91 11.43
N TYR A 292 -5.02 26.06 10.88
CA TYR A 292 -4.95 24.66 11.33
C TYR A 292 -4.33 24.49 12.74
N ASP A 293 -4.82 23.50 13.48
CA ASP A 293 -4.41 23.33 14.87
C ASP A 293 -3.22 22.38 14.96
N PRO A 294 -2.38 22.57 15.98
CA PRO A 294 -1.29 21.64 16.27
C PRO A 294 -1.81 20.28 16.83
N PRO A 295 -0.92 19.29 16.96
CA PRO A 295 -1.31 18.02 17.55
C PRO A 295 -1.74 18.17 19.01
N SER A 296 -2.70 17.34 19.43
CA SER A 296 -3.10 17.23 20.84
C SER A 296 -1.94 16.78 21.72
N GLU A 297 -2.07 17.05 23.02
CA GLU A 297 -1.09 16.63 24.02
C GLU A 297 -0.85 15.12 23.96
N ALA A 298 -1.94 14.38 23.85
CA ALA A 298 -1.91 12.92 23.76
C ALA A 298 -1.19 12.43 22.50
N ALA A 299 -1.40 13.13 21.39
CA ALA A 299 -0.66 12.83 20.15
C ALA A 299 0.82 13.10 20.36
N LYS A 300 1.14 14.18 21.07
CA LYS A 300 2.53 14.56 21.34
C LYS A 300 3.20 13.53 22.26
N GLN A 301 2.49 13.11 23.31
CA GLN A 301 3.04 12.10 24.23
C GLN A 301 3.39 10.82 23.45
N GLU A 302 2.47 10.37 22.59
CA GLU A 302 2.64 9.17 21.74
C GLU A 302 3.92 9.25 20.86
N VAL A 303 4.14 10.41 20.24
CA VAL A 303 5.33 10.62 19.44
C VAL A 303 6.60 10.37 20.25
N ARG A 304 6.67 10.96 21.44
CA ARG A 304 7.84 10.82 22.29
C ARG A 304 8.06 9.38 22.75
N LYS A 305 6.98 8.66 23.08
CA LYS A 305 7.12 7.28 23.53
C LYS A 305 7.55 6.36 22.39
N VAL A 306 6.82 6.43 21.27
CA VAL A 306 6.97 5.51 20.16
C VAL A 306 8.24 5.73 19.35
N MET A 307 8.82 6.93 19.41
CA MET A 307 10.02 7.23 18.63
C MET A 307 11.32 7.23 19.45
N ALA A 308 11.22 7.03 20.76
CA ALA A 308 12.37 7.10 21.68
C ALA A 308 13.53 6.17 21.34
N GLU A 309 13.18 4.96 20.88
CA GLU A 309 14.20 3.96 20.55
C GLU A 309 15.00 4.36 19.31
N VAL A 310 14.30 4.78 18.26
CA VAL A 310 14.95 5.22 17.02
C VAL A 310 15.72 6.54 17.25
N ALA A 311 15.22 7.40 18.13
CA ALA A 311 15.99 8.57 18.56
C ALA A 311 17.35 8.19 19.12
N ALA A 312 17.39 7.15 19.96
CA ALA A 312 18.67 6.70 20.53
C ALA A 312 19.59 6.14 19.46
N ILE A 313 19.01 5.48 18.47
CA ILE A 313 19.77 4.98 17.32
C ILE A 313 20.34 6.14 16.50
N GLU A 314 19.52 7.17 16.28
CA GLU A 314 19.95 8.36 15.55
C GLU A 314 21.07 9.13 16.30
N ALA A 315 20.95 9.26 17.62
CA ALA A 315 22.02 9.86 18.40
C ALA A 315 23.32 9.02 18.32
N GLY A 316 23.18 7.72 18.04
CA GLY A 316 24.33 6.83 17.88
C GLY A 316 25.00 6.97 16.52
N LEU A 317 24.22 7.35 15.49
CA LEU A 317 24.70 7.44 14.10
C LEU A 317 25.09 8.86 13.66
N SER A 318 24.81 9.83 14.52
CA SER A 318 25.10 11.22 14.22
C SER A 318 25.48 11.99 15.49
N MET B 5 -9.38 -31.04 14.18
CA MET B 5 -8.18 -31.02 13.27
C MET B 5 -7.81 -29.62 12.70
N VAL B 6 -8.79 -28.83 12.28
CA VAL B 6 -8.56 -27.43 11.92
C VAL B 6 -8.29 -26.64 13.20
N PRO B 7 -7.15 -25.93 13.28
CA PRO B 7 -6.79 -25.28 14.55
C PRO B 7 -7.62 -24.01 14.81
N ARG B 8 -7.71 -23.63 16.09
CA ARG B 8 -8.42 -22.45 16.54
C ARG B 8 -7.90 -21.18 15.85
N VAL B 9 -6.59 -21.12 15.66
CA VAL B 9 -5.98 -19.96 15.04
C VAL B 9 -5.70 -20.30 13.58
N PRO B 10 -6.14 -19.46 12.63
CA PRO B 10 -5.95 -19.78 11.22
C PRO B 10 -4.50 -20.01 10.85
N GLN B 11 -4.24 -21.10 10.14
CA GLN B 11 -2.90 -21.47 9.73
C GLN B 11 -2.33 -20.45 8.76
N PRO B 12 -1.06 -20.06 8.95
CA PRO B 12 -0.32 -19.21 8.00
C PRO B 12 -0.22 -19.90 6.63
N GLY B 13 -0.25 -19.15 5.54
CA GLY B 13 -0.08 -19.70 4.21
C GLY B 13 -0.90 -18.88 3.24
N ILE B 14 -1.31 -19.51 2.13
CA ILE B 14 -2.06 -18.83 1.08
C ILE B 14 -3.51 -19.26 1.12
N TRP B 15 -4.38 -18.25 1.23
CA TRP B 15 -5.81 -18.46 1.28
C TRP B 15 -6.44 -17.83 0.05
N CYS B 16 -7.38 -18.52 -0.56
CA CYS B 16 -8.08 -17.98 -1.72
C CYS B 16 -9.50 -17.54 -1.41
N PRO B 17 -9.81 -16.24 -1.64
CA PRO B 17 -11.21 -15.80 -1.56
C PRO B 17 -11.89 -16.15 -2.90
N ALA B 18 -12.53 -17.31 -2.94
CA ALA B 18 -13.01 -17.91 -4.18
C ALA B 18 -14.15 -17.12 -4.83
N VAL B 19 -14.14 -17.04 -6.16
CA VAL B 19 -15.24 -16.40 -6.89
C VAL B 19 -16.52 -17.28 -6.92
N THR B 20 -17.63 -16.71 -7.37
CA THR B 20 -18.94 -17.39 -7.37
C THR B 20 -19.52 -17.60 -8.77
N PHE B 21 -19.95 -18.83 -9.03
CA PHE B 21 -20.51 -19.20 -10.31
C PHE B 21 -22.01 -18.95 -10.31
N PHE B 22 -22.52 -18.28 -11.34
CA PHE B 22 -23.98 -18.07 -11.49
C PHE B 22 -24.52 -18.75 -12.74
N ASP B 23 -25.70 -19.34 -12.63
CA ASP B 23 -26.41 -19.73 -13.83
C ASP B 23 -27.03 -18.47 -14.44
N SER B 24 -26.45 -18.05 -15.55
CA SER B 24 -26.85 -16.86 -16.31
C SER B 24 -28.33 -16.79 -16.67
N LYS B 25 -28.92 -17.92 -17.08
CA LYS B 25 -30.32 -17.93 -17.52
C LYS B 25 -31.29 -17.70 -16.37
N THR B 26 -30.96 -18.19 -15.20
CA THR B 26 -31.91 -18.17 -14.10
C THR B 26 -31.47 -17.27 -12.97
N ASP B 27 -30.29 -16.68 -13.12
CA ASP B 27 -29.65 -15.88 -12.08
C ASP B 27 -29.71 -16.60 -10.71
N THR B 28 -29.29 -17.86 -10.71
CA THR B 28 -29.16 -18.64 -9.48
C THR B 28 -27.72 -19.16 -9.37
N LEU B 29 -27.32 -19.57 -8.17
CA LEU B 29 -26.06 -20.25 -7.97
C LEU B 29 -25.94 -21.52 -8.84
N ASP B 30 -24.77 -21.71 -9.44
CA ASP B 30 -24.46 -22.97 -10.12
C ASP B 30 -23.59 -23.77 -9.16
N LEU B 31 -24.24 -24.56 -8.32
CA LEU B 31 -23.58 -25.26 -7.25
C LEU B 31 -22.66 -26.38 -7.70
N ALA B 32 -22.99 -27.03 -8.82
CA ALA B 32 -22.19 -28.17 -9.31
C ALA B 32 -20.83 -27.70 -9.82
N SER B 33 -20.81 -26.59 -10.57
CA SER B 33 -19.56 -25.95 -10.95
C SER B 33 -18.81 -25.42 -9.75
N GLN B 34 -19.55 -24.81 -8.82
CA GLN B 34 -18.97 -24.24 -7.61
C GLN B 34 -18.17 -25.31 -6.89
N GLU B 35 -18.84 -26.43 -6.61
CA GLU B 35 -18.22 -27.56 -5.91
C GLU B 35 -16.92 -28.02 -6.58
N ARG B 36 -16.99 -28.23 -7.88
CA ARG B 36 -15.83 -28.59 -8.68
C ARG B 36 -14.69 -27.58 -8.52
N TYR B 37 -15.01 -26.30 -8.54
CA TYR B 37 -14.02 -25.24 -8.45
C TYR B 37 -13.36 -25.25 -7.08
N TYR B 38 -14.17 -25.29 -6.02
CA TYR B 38 -13.61 -25.33 -4.68
C TYR B 38 -12.68 -26.50 -4.47
N ALA B 39 -13.08 -27.68 -4.96
CA ALA B 39 -12.24 -28.88 -4.77
C ALA B 39 -10.94 -28.76 -5.54
N TYR B 40 -10.99 -28.16 -6.73
CA TYR B 40 -9.77 -27.90 -7.48
C TYR B 40 -8.78 -26.98 -6.71
N LEU B 41 -9.30 -25.83 -6.24
CA LEU B 41 -8.50 -24.89 -5.47
C LEU B 41 -7.87 -25.55 -4.26
N ALA B 42 -8.63 -26.40 -3.57
CA ALA B 42 -8.16 -27.04 -2.34
C ALA B 42 -7.04 -28.04 -2.61
N ARG B 43 -7.04 -28.67 -3.79
CA ARG B 43 -5.93 -29.57 -4.18
C ARG B 43 -4.76 -28.82 -4.78
N SER B 44 -4.85 -27.50 -4.93
CA SER B 44 -3.78 -26.75 -5.64
C SER B 44 -2.75 -26.00 -4.76
N GLY B 45 -2.46 -26.52 -3.57
CA GLY B 45 -1.45 -25.96 -2.67
C GLY B 45 -1.90 -24.94 -1.63
N LEU B 46 -3.17 -24.55 -1.70
CA LEU B 46 -3.74 -23.55 -0.78
C LEU B 46 -3.80 -24.04 0.66
N THR B 47 -3.74 -23.13 1.61
CA THR B 47 -3.85 -23.45 3.04
C THR B 47 -5.32 -23.48 3.49
N GLY B 48 -6.14 -22.60 2.93
CA GLY B 48 -7.56 -22.61 3.18
C GLY B 48 -8.32 -21.77 2.15
N LEU B 49 -9.64 -21.82 2.25
CA LEU B 49 -10.51 -21.04 1.40
C LEU B 49 -11.22 -19.98 2.21
N VAL B 50 -11.35 -18.82 1.61
CA VAL B 50 -12.23 -17.81 2.15
C VAL B 50 -13.48 -17.80 1.30
N ILE B 51 -14.60 -18.18 1.91
CA ILE B 51 -15.86 -18.22 1.23
C ILE B 51 -16.63 -16.98 1.65
N LEU B 52 -17.24 -16.35 0.66
CA LEU B 52 -17.98 -15.09 0.86
C LEU B 52 -17.05 -13.92 1.16
N GLY B 53 -15.83 -13.94 0.63
CA GLY B 53 -15.05 -12.72 0.57
C GLY B 53 -15.69 -11.73 -0.40
N THR B 54 -15.02 -10.60 -0.63
CA THR B 54 -15.53 -9.56 -1.56
C THR B 54 -15.58 -10.06 -3.02
N ASN B 55 -14.54 -10.81 -3.40
CA ASN B 55 -14.45 -11.45 -4.69
C ASN B 55 -15.57 -12.49 -4.92
N ALA B 56 -16.22 -12.93 -3.85
CA ALA B 56 -17.33 -13.86 -3.98
C ALA B 56 -18.62 -13.11 -4.33
N GLU B 57 -18.55 -11.76 -4.35
CA GLU B 57 -19.74 -10.91 -4.54
C GLU B 57 -20.77 -11.24 -3.45
N ALA B 58 -20.28 -11.37 -2.23
CA ALA B 58 -21.08 -11.88 -1.13
C ALA B 58 -22.24 -10.93 -0.86
N PHE B 59 -21.98 -9.66 -1.09
CA PHE B 59 -22.95 -8.62 -0.85
C PHE B 59 -24.07 -8.62 -1.87
N LEU B 60 -23.91 -9.41 -2.94
CA LEU B 60 -24.98 -9.59 -3.94
C LEU B 60 -25.82 -10.83 -3.66
N LEU B 61 -25.53 -11.57 -2.60
CA LEU B 61 -26.21 -12.84 -2.37
C LEU B 61 -27.32 -12.72 -1.35
N THR B 62 -28.23 -13.68 -1.35
CA THR B 62 -29.24 -13.68 -0.29
C THR B 62 -28.64 -14.44 0.88
N ARG B 63 -29.31 -14.36 2.02
CA ARG B 63 -28.91 -15.11 3.19
C ARG B 63 -28.81 -16.60 2.90
N GLU B 64 -29.85 -17.16 2.28
CA GLU B 64 -29.87 -18.56 1.97
C GLU B 64 -28.72 -18.91 1.02
N GLU B 65 -28.46 -18.05 0.02
CA GLU B 65 -27.35 -18.30 -0.88
C GLU B 65 -25.99 -18.33 -0.19
N ARG B 66 -25.79 -17.42 0.79
CA ARG B 66 -24.58 -17.40 1.59
C ARG B 66 -24.32 -18.75 2.29
N ALA B 67 -25.37 -19.34 2.85
CA ALA B 67 -25.26 -20.58 3.58
C ALA B 67 -24.99 -21.79 2.65
N GLN B 68 -25.62 -21.78 1.49
CA GLN B 68 -25.42 -22.79 0.46
C GLN B 68 -23.96 -22.86 -0.03
N LEU B 69 -23.31 -21.72 -0.24
CA LEU B 69 -21.89 -21.73 -0.67
C LEU B 69 -20.96 -22.31 0.38
N ILE B 70 -21.14 -21.90 1.63
CA ILE B 70 -20.34 -22.44 2.70
C ILE B 70 -20.51 -23.98 2.74
N ALA B 71 -21.75 -24.46 2.71
CA ALA B 71 -22.02 -25.89 2.75
C ALA B 71 -21.43 -26.64 1.55
N THR B 72 -21.47 -26.00 0.38
CA THR B 72 -20.90 -26.57 -0.85
C THR B 72 -19.38 -26.61 -0.75
N ALA B 73 -18.81 -25.57 -0.12
CA ALA B 73 -17.37 -25.56 0.15
C ALA B 73 -16.95 -26.70 1.09
N ARG B 74 -17.71 -26.87 2.18
CA ARG B 74 -17.46 -27.97 3.12
C ARG B 74 -17.58 -29.33 2.42
N LYS B 75 -18.62 -29.49 1.61
CA LYS B 75 -18.79 -30.72 0.86
C LYS B 75 -17.55 -30.97 -0.02
N ALA B 76 -17.10 -29.93 -0.73
CA ALA B 76 -16.05 -30.10 -1.73
C ALA B 76 -14.66 -30.40 -1.17
N VAL B 77 -14.34 -29.90 0.01
CA VAL B 77 -12.96 -29.99 0.50
C VAL B 77 -12.82 -31.05 1.60
N GLY B 78 -13.95 -31.57 2.06
CA GLY B 78 -13.93 -32.49 3.17
C GLY B 78 -13.73 -31.77 4.49
N PRO B 79 -13.77 -32.54 5.60
CA PRO B 79 -13.85 -32.05 6.98
C PRO B 79 -12.57 -31.48 7.54
N ASP B 80 -11.44 -31.66 6.85
CA ASP B 80 -10.14 -31.24 7.41
C ASP B 80 -9.46 -30.01 6.76
N PHE B 81 -10.11 -29.43 5.76
CA PHE B 81 -9.54 -28.30 5.04
C PHE B 81 -10.26 -27.06 5.53
N PRO B 82 -9.48 -26.01 5.88
CA PRO B 82 -9.99 -24.84 6.56
C PRO B 82 -10.87 -23.97 5.70
N ILE B 83 -11.97 -23.51 6.30
CA ILE B 83 -12.88 -22.59 5.63
C ILE B 83 -13.14 -21.36 6.49
N MET B 84 -12.84 -20.20 5.90
CA MET B 84 -13.08 -18.93 6.56
C MET B 84 -14.25 -18.25 5.82
N ALA B 85 -15.33 -17.99 6.53
CA ALA B 85 -16.55 -17.39 5.95
C ALA B 85 -16.66 -15.88 6.21
N GLY B 86 -16.79 -15.09 5.14
CA GLY B 86 -17.14 -13.66 5.22
C GLY B 86 -18.53 -13.50 5.78
N VAL B 87 -18.70 -12.59 6.74
CA VAL B 87 -19.99 -12.39 7.42
C VAL B 87 -20.35 -10.93 7.64
N GLY B 88 -19.52 -10.02 7.17
CA GLY B 88 -19.85 -8.59 7.19
C GLY B 88 -21.32 -8.23 6.87
N ALA B 89 -21.88 -7.27 7.60
CA ALA B 89 -23.23 -6.79 7.39
C ALA B 89 -23.28 -5.45 8.13
N HIS B 90 -24.46 -4.86 8.32
CA HIS B 90 -24.55 -3.51 8.90
C HIS B 90 -24.84 -3.46 10.39
N SER B 91 -25.63 -4.41 10.90
CA SER B 91 -25.98 -4.44 12.30
C SER B 91 -25.40 -5.67 12.99
N THR B 92 -25.34 -5.62 14.31
CA THR B 92 -24.89 -6.73 15.09
C THR B 92 -25.82 -7.91 14.83
N ARG B 93 -27.13 -7.65 14.83
CA ARG B 93 -28.11 -8.68 14.51
C ARG B 93 -27.80 -9.40 13.22
N GLN B 94 -27.53 -8.66 12.15
CA GLN B 94 -27.30 -9.30 10.86
C GLN B 94 -26.02 -10.16 10.87
N VAL B 95 -24.98 -9.61 11.50
CA VAL B 95 -23.69 -10.28 11.56
C VAL B 95 -23.79 -11.61 12.34
N LEU B 96 -24.47 -11.58 13.49
CA LEU B 96 -24.66 -12.80 14.28
C LEU B 96 -25.49 -13.83 13.54
N GLU B 97 -26.49 -13.38 12.78
CA GLU B 97 -27.30 -14.33 12.04
C GLU B 97 -26.42 -15.00 10.99
N HIS B 98 -25.57 -14.23 10.27
CA HIS B 98 -24.67 -14.80 9.25
C HIS B 98 -23.65 -15.74 9.87
N ILE B 99 -23.14 -15.35 11.04
CA ILE B 99 -22.17 -16.17 11.77
C ILE B 99 -22.75 -17.53 12.13
N ASN B 100 -23.95 -17.51 12.71
CA ASN B 100 -24.66 -18.72 13.12
C ASN B 100 -24.97 -19.65 11.92
N ASP B 101 -25.44 -19.07 10.80
CA ASP B 101 -25.61 -19.83 9.57
C ASP B 101 -24.28 -20.45 9.14
N ALA B 102 -23.18 -19.68 9.19
CA ALA B 102 -21.84 -20.16 8.80
C ALA B 102 -21.36 -21.33 9.66
N SER B 103 -21.54 -21.20 10.98
CA SER B 103 -21.31 -22.29 11.93
C SER B 103 -22.06 -23.57 11.53
N VAL B 104 -23.37 -23.45 11.31
CA VAL B 104 -24.20 -24.58 10.94
C VAL B 104 -23.76 -25.15 9.57
N ALA B 105 -23.38 -24.30 8.63
CA ALA B 105 -23.02 -24.79 7.30
C ALA B 105 -21.62 -25.40 7.22
N GLY B 106 -20.83 -25.22 8.28
CA GLY B 106 -19.55 -25.93 8.42
C GLY B 106 -18.27 -25.12 8.30
N ALA B 107 -18.35 -23.79 8.43
CA ALA B 107 -17.13 -22.94 8.44
C ALA B 107 -16.35 -23.17 9.71
N ASN B 108 -15.05 -22.87 9.70
CA ASN B 108 -14.20 -22.95 10.88
C ASN B 108 -13.90 -21.55 11.48
N TYR B 109 -13.94 -20.52 10.63
CA TYR B 109 -13.70 -19.16 11.08
C TYR B 109 -14.66 -18.21 10.42
N VAL B 110 -14.86 -17.04 11.06
CA VAL B 110 -15.60 -15.97 10.39
C VAL B 110 -14.74 -14.74 10.19
N LEU B 111 -14.86 -14.16 9.00
CA LEU B 111 -14.15 -12.94 8.62
C LEU B 111 -15.12 -11.75 8.69
N VAL B 112 -14.92 -10.86 9.65
CA VAL B 112 -15.92 -9.87 10.01
C VAL B 112 -15.51 -8.39 9.69
N LEU B 113 -16.21 -7.79 8.73
CA LEU B 113 -16.09 -6.36 8.44
C LEU B 113 -16.52 -5.52 9.62
N PRO B 114 -15.90 -4.34 9.80
CA PRO B 114 -16.39 -3.39 10.77
C PRO B 114 -17.76 -2.89 10.33
N PRO B 115 -18.58 -2.43 11.29
CA PRO B 115 -19.88 -1.95 10.91
C PRO B 115 -19.74 -0.62 10.19
N ALA B 116 -20.22 -0.57 8.97
CA ALA B 116 -20.24 0.70 8.23
C ALA B 116 -21.63 0.87 7.60
N TYR B 117 -22.22 2.05 7.78
CA TYR B 117 -23.61 2.25 7.37
C TYR B 117 -23.81 3.57 6.64
N THR B 122 -18.50 6.71 11.46
CA THR B 122 -18.69 5.66 12.47
C THR B 122 -17.61 5.79 13.54
N THR B 123 -18.03 6.04 14.77
CA THR B 123 -17.10 6.32 15.85
C THR B 123 -16.34 5.06 16.26
N PRO B 124 -15.11 5.23 16.77
CA PRO B 124 -14.34 4.14 17.37
C PRO B 124 -15.06 3.40 18.52
N PRO B 125 -15.81 4.11 19.40
CA PRO B 125 -16.53 3.32 20.41
C PRO B 125 -17.58 2.36 19.83
N VAL B 126 -18.18 2.75 18.70
CA VAL B 126 -19.18 1.92 18.04
C VAL B 126 -18.47 0.69 17.48
N ILE B 127 -17.28 0.90 16.95
CA ILE B 127 -16.47 -0.19 16.42
C ILE B 127 -16.03 -1.18 17.49
N LYS B 128 -15.47 -0.69 18.61
CA LYS B 128 -15.03 -1.55 19.72
C LYS B 128 -16.19 -2.37 20.27
N SER B 129 -17.27 -1.67 20.60
CA SER B 129 -18.43 -2.29 21.19
C SER B 129 -19.03 -3.32 20.24
N PHE B 130 -19.02 -3.05 18.95
CA PHE B 130 -19.46 -4.03 17.96
C PHE B 130 -18.55 -5.27 18.02
N PHE B 131 -17.25 -5.05 17.94
CA PHE B 131 -16.32 -6.19 17.92
C PHE B 131 -16.29 -7.01 19.20
N ASP B 132 -16.40 -6.33 20.35
CA ASP B 132 -16.48 -6.98 21.67
C ASP B 132 -17.68 -7.94 21.67
N ASP B 133 -18.81 -7.45 21.16
CA ASP B 133 -20.07 -8.15 21.24
C ASP B 133 -20.00 -9.34 20.27
N VAL B 134 -19.47 -9.10 19.07
CA VAL B 134 -19.31 -10.17 18.09
C VAL B 134 -18.34 -11.25 18.60
N SER B 135 -17.20 -10.83 19.16
CA SER B 135 -16.21 -11.78 19.67
C SER B 135 -16.79 -12.73 20.72
N CYS B 136 -17.59 -12.18 21.66
CA CYS B 136 -18.11 -12.94 22.79
C CYS B 136 -19.28 -13.84 22.39
N GLN B 137 -20.09 -13.41 21.43
CA GLN B 137 -21.30 -14.16 21.04
C GLN B 137 -21.04 -15.14 19.90
N SER B 138 -19.99 -14.92 19.13
CA SER B 138 -19.68 -15.81 18.01
C SER B 138 -19.27 -17.21 18.46
N PRO B 139 -19.93 -18.25 17.93
CA PRO B 139 -19.50 -19.62 18.29
C PRO B 139 -18.29 -20.07 17.47
N LEU B 140 -17.74 -19.18 16.61
CA LEU B 140 -16.57 -19.46 15.80
C LEU B 140 -15.53 -18.35 16.00
N PRO B 141 -14.22 -18.69 15.88
CA PRO B 141 -13.15 -17.69 16.02
C PRO B 141 -13.33 -16.60 14.98
N VAL B 142 -12.94 -15.36 15.32
CA VAL B 142 -13.25 -14.20 14.51
C VAL B 142 -11.95 -13.64 13.93
N VAL B 143 -11.95 -13.41 12.62
CA VAL B 143 -10.88 -12.69 11.94
C VAL B 143 -11.40 -11.30 11.56
N ILE B 144 -10.69 -10.25 12.00
CA ILE B 144 -11.03 -8.87 11.60
C ILE B 144 -10.77 -8.63 10.10
N TYR B 145 -11.79 -8.17 9.40
CA TYR B 145 -11.67 -7.84 8.00
C TYR B 145 -11.50 -6.33 7.88
N ASN B 146 -10.28 -5.87 7.64
CA ASN B 146 -10.05 -4.44 7.44
C ASN B 146 -10.21 -4.08 5.98
N PHE B 147 -11.37 -3.52 5.59
CA PHE B 147 -11.62 -3.13 4.19
C PHE B 147 -12.26 -1.71 3.99
N PRO B 148 -11.40 -0.66 3.93
CA PRO B 148 -11.78 0.78 3.97
C PRO B 148 -12.62 1.26 2.79
N ILE B 154 -14.02 3.48 6.69
CA ILE B 154 -13.38 3.04 7.94
C ILE B 154 -12.13 2.15 7.72
N ASP B 155 -10.95 2.75 7.83
CA ASP B 155 -9.68 1.98 7.83
C ASP B 155 -9.20 1.80 9.27
N LEU B 156 -9.14 0.55 9.73
CA LEU B 156 -8.73 0.29 11.11
C LEU B 156 -7.22 0.26 11.19
N ASP B 157 -6.66 1.21 11.92
CA ASP B 157 -5.22 1.26 12.13
C ASP B 157 -4.75 0.29 13.23
N SER B 158 -3.44 0.24 13.42
CA SER B 158 -2.79 -0.65 14.37
C SER B 158 -3.37 -0.59 15.77
N ASP B 159 -3.58 0.63 16.26
CA ASP B 159 -4.07 0.81 17.60
C ASP B 159 -5.51 0.34 17.72
N MET B 160 -6.33 0.57 16.71
CA MET B 160 -7.70 0.11 16.78
C MET B 160 -7.78 -1.43 16.72
N ILE B 161 -6.97 -2.05 15.87
CA ILE B 161 -6.93 -3.50 15.74
C ILE B 161 -6.49 -4.15 17.06
N THR B 162 -5.44 -3.58 17.63
CA THR B 162 -4.89 -3.96 18.91
C THR B 162 -5.93 -3.79 20.01
N THR B 163 -6.68 -2.69 19.96
CA THR B 163 -7.71 -2.42 20.98
C THR B 163 -8.86 -3.43 20.88
N ILE B 164 -9.22 -3.80 19.66
CA ILE B 164 -10.23 -4.83 19.44
C ILE B 164 -9.74 -6.20 19.96
N ALA B 165 -8.48 -6.56 19.67
CA ALA B 165 -8.05 -7.93 19.87
C ALA B 165 -7.42 -8.19 21.24
N ARG B 166 -6.79 -7.19 21.83
CA ARG B 166 -5.92 -7.38 23.00
C ARG B 166 -6.49 -8.29 24.08
N LYS B 167 -7.74 -8.02 24.44
CA LYS B 167 -8.40 -8.67 25.56
C LYS B 167 -9.58 -9.49 25.07
N ASN B 168 -9.69 -9.70 23.77
CA ASN B 168 -10.73 -10.56 23.22
C ASN B 168 -10.10 -11.80 22.60
N PRO B 169 -9.95 -12.87 23.39
CA PRO B 169 -9.22 -14.05 22.91
C PRO B 169 -9.88 -14.76 21.71
N ASN B 170 -11.18 -14.59 21.49
CA ASN B 170 -11.86 -15.21 20.33
C ASN B 170 -11.60 -14.47 19.00
N VAL B 171 -10.80 -13.41 19.07
CA VAL B 171 -10.27 -12.75 17.88
C VAL B 171 -8.91 -13.37 17.57
N VAL B 172 -8.83 -14.04 16.42
CA VAL B 172 -7.64 -14.83 16.09
C VAL B 172 -6.90 -14.33 14.86
N GLY B 173 -7.29 -13.18 14.33
CA GLY B 173 -6.54 -12.62 13.19
C GLY B 173 -7.13 -11.36 12.60
N VAL B 174 -6.44 -10.83 11.61
CA VAL B 174 -6.92 -9.69 10.80
C VAL B 174 -6.48 -9.91 9.34
N LYS B 175 -7.35 -9.58 8.40
CA LYS B 175 -6.98 -9.44 7.01
C LYS B 175 -6.77 -7.96 6.77
N LEU B 176 -5.54 -7.59 6.41
CA LEU B 176 -5.19 -6.22 6.11
C LEU B 176 -5.25 -6.10 4.61
N THR B 177 -5.87 -5.05 4.11
CA THR B 177 -5.94 -4.88 2.66
C THR B 177 -4.77 -4.07 2.09
N CYS B 178 -4.38 -3.00 2.78
CA CYS B 178 -3.15 -2.25 2.48
C CYS B 178 -2.06 -2.64 3.49
N ALA B 179 -1.51 -3.82 3.32
CA ALA B 179 -0.50 -4.31 4.25
C ALA B 179 0.79 -3.51 4.10
N SER B 180 1.37 -3.08 5.23
CA SER B 180 2.70 -2.47 5.22
C SER B 180 3.63 -3.12 6.26
N VAL B 181 4.93 -2.85 6.15
CA VAL B 181 5.95 -3.41 7.05
C VAL B 181 5.71 -2.99 8.50
N GLY B 182 5.46 -1.70 8.71
CA GLY B 182 5.24 -1.16 10.05
C GLY B 182 3.97 -1.71 10.67
N LYS B 183 2.92 -1.83 9.86
CA LYS B 183 1.63 -2.29 10.36
C LYS B 183 1.71 -3.74 10.79
N ILE B 184 2.34 -4.56 9.97
CA ILE B 184 2.54 -5.98 10.24
C ILE B 184 3.44 -6.20 11.43
N THR B 185 4.54 -5.44 11.49
CA THR B 185 5.47 -5.49 12.62
C THR B 185 4.80 -5.06 13.93
N ARG B 186 4.02 -3.99 13.89
CA ARG B 186 3.36 -3.52 15.12
C ARG B 186 2.39 -4.60 15.60
N LEU B 187 1.61 -5.18 14.68
CA LEU B 187 0.61 -6.13 15.05
C LEU B 187 1.25 -7.44 15.56
N ALA B 188 2.27 -7.95 14.89
CA ALA B 188 2.83 -9.23 15.32
C ALA B 188 3.52 -9.16 16.69
N ALA B 189 4.04 -8.00 17.06
CA ALA B 189 4.63 -7.84 18.38
C ALA B 189 3.62 -7.77 19.56
N THR B 190 2.50 -7.11 19.37
CA THR B 190 1.52 -7.02 20.44
C THR B 190 0.64 -8.27 20.44
N LEU B 191 0.47 -8.86 19.25
CA LEU B 191 -0.40 -10.01 19.03
C LEU B 191 0.35 -11.12 18.29
N PRO B 192 1.14 -11.90 19.04
CA PRO B 192 2.01 -12.92 18.46
C PRO B 192 1.24 -14.03 17.79
N PRO B 193 1.91 -14.78 16.89
CA PRO B 193 1.28 -15.82 16.05
C PRO B 193 0.56 -16.90 16.81
N ALA B 194 0.97 -17.16 18.05
CA ALA B 194 0.32 -18.29 18.74
C ALA B 194 -1.16 -18.05 19.05
N ALA B 195 -1.61 -16.78 19.02
CA ALA B 195 -3.03 -16.49 19.22
C ALA B 195 -3.64 -15.52 18.19
N PHE B 196 -2.85 -15.16 17.15
CA PHE B 196 -3.25 -14.14 16.17
C PHE B 196 -2.49 -14.31 14.87
N SER B 197 -3.25 -14.39 13.78
CA SER B 197 -2.71 -14.49 12.43
C SER B 197 -2.97 -13.20 11.66
N VAL B 198 -1.89 -12.55 11.22
CA VAL B 198 -1.99 -11.36 10.40
C VAL B 198 -1.87 -11.70 8.90
N PHE B 199 -2.95 -11.50 8.16
CA PHE B 199 -2.94 -11.80 6.73
C PHE B 199 -2.87 -10.52 5.93
N GLY B 200 -2.00 -10.53 4.92
CA GLY B 200 -2.03 -9.53 3.89
C GLY B 200 -3.10 -9.83 2.87
N GLY B 201 -3.28 -8.90 1.95
CA GLY B 201 -4.32 -9.01 0.94
C GLY B 201 -3.76 -8.86 -0.46
N GLN B 202 -2.53 -8.41 -0.57
CA GLN B 202 -1.96 -8.18 -1.89
C GLN B 202 -0.91 -9.25 -2.12
N SER B 203 -1.13 -10.07 -3.15
CA SER B 203 -0.15 -11.07 -3.58
C SER B 203 1.21 -10.40 -3.82
N ASP B 204 1.17 -9.17 -4.33
CA ASP B 204 2.37 -8.34 -4.59
C ASP B 204 3.31 -8.25 -3.37
N PHE B 205 2.76 -8.19 -2.16
CA PHE B 205 3.59 -7.98 -0.98
C PHE B 205 3.83 -9.24 -0.10
N LEU B 206 3.41 -10.41 -0.59
CA LEU B 206 3.53 -11.67 0.17
C LEU B 206 4.87 -11.93 0.87
N ILE B 207 5.97 -11.84 0.12
CA ILE B 207 7.30 -12.12 0.67
C ILE B 207 7.74 -11.04 1.67
N GLY B 208 7.41 -9.79 1.35
CA GLY B 208 7.64 -8.63 2.23
C GLY B 208 6.99 -8.85 3.59
N GLY B 209 5.70 -9.16 3.57
CA GLY B 209 4.93 -9.48 4.79
C GLY B 209 5.47 -10.65 5.61
N LEU B 210 5.83 -11.73 4.93
CA LEU B 210 6.36 -12.92 5.58
C LEU B 210 7.62 -12.59 6.37
N SER B 211 8.55 -11.90 5.70
CA SER B 211 9.84 -11.58 6.31
C SER B 211 9.69 -10.79 7.62
N VAL B 212 8.54 -10.13 7.81
CA VAL B 212 8.30 -9.37 9.05
C VAL B 212 7.20 -9.96 9.97
N GLY B 213 6.74 -11.17 9.67
CA GLY B 213 5.83 -11.88 10.58
C GLY B 213 4.38 -12.02 10.16
N SER B 214 4.08 -11.98 8.87
CA SER B 214 2.69 -12.21 8.48
C SER B 214 2.37 -13.71 8.53
N ALA B 215 1.09 -14.01 8.64
CA ALA B 215 0.58 -15.35 8.45
C ALA B 215 0.55 -15.69 6.95
N GLY B 216 1.00 -14.76 6.11
CA GLY B 216 0.77 -14.95 4.67
C GLY B 216 -0.37 -14.11 4.13
N CYS B 217 -1.17 -14.69 3.25
CA CYS B 217 -1.90 -13.90 2.30
C CYS B 217 -3.27 -14.49 1.93
N ILE B 218 -4.31 -13.67 1.98
CA ILE B 218 -5.59 -13.97 1.39
C ILE B 218 -5.63 -13.27 0.03
N ALA B 219 -5.36 -14.02 -1.04
CA ALA B 219 -5.07 -13.40 -2.34
C ALA B 219 -6.07 -13.75 -3.46
N ALA B 220 -6.80 -12.74 -3.93
CA ALA B 220 -7.71 -12.85 -5.07
C ALA B 220 -7.06 -13.59 -6.25
N PHE B 221 -5.81 -13.25 -6.52
CA PHE B 221 -5.06 -13.80 -7.64
C PHE B 221 -4.85 -15.32 -7.52
N ALA B 222 -4.92 -15.86 -6.30
CA ALA B 222 -4.85 -17.31 -6.13
C ALA B 222 -6.03 -18.00 -6.76
N ASN B 223 -7.11 -17.24 -7.06
CA ASN B 223 -8.23 -17.75 -7.83
C ASN B 223 -7.75 -18.18 -9.20
N VAL B 224 -6.80 -17.41 -9.75
CA VAL B 224 -6.43 -17.59 -11.13
C VAL B 224 -5.25 -18.59 -11.26
N PHE B 225 -4.26 -18.45 -10.39
CA PHE B 225 -3.09 -19.33 -10.44
C PHE B 225 -2.74 -19.82 -9.05
N PRO B 226 -3.59 -20.69 -8.50
CA PRO B 226 -3.41 -21.17 -7.13
C PRO B 226 -2.04 -21.82 -6.90
N LYS B 227 -1.58 -22.61 -7.86
CA LYS B 227 -0.34 -23.35 -7.64
C LYS B 227 0.85 -22.40 -7.52
N THR B 228 0.91 -21.42 -8.43
CA THR B 228 1.95 -20.41 -8.44
C THR B 228 2.04 -19.65 -7.12
N VAL B 229 0.90 -19.15 -6.65
CA VAL B 229 0.91 -18.36 -5.44
C VAL B 229 1.28 -19.19 -4.19
N SER B 230 0.70 -20.39 -4.06
CA SER B 230 1.06 -21.33 -2.99
C SER B 230 2.55 -21.63 -3.04
N LYS B 231 3.08 -21.75 -4.25
CA LYS B 231 4.46 -22.10 -4.43
C LYS B 231 5.41 -20.96 -3.94
N ILE B 232 5.09 -19.73 -4.29
CA ILE B 232 5.87 -18.60 -3.81
C ILE B 232 6.00 -18.73 -2.30
N TYR B 233 4.90 -19.04 -1.62
CA TYR B 233 4.95 -19.17 -0.18
C TYR B 233 5.78 -20.40 0.29
N GLU B 234 5.64 -21.55 -0.38
CA GLU B 234 6.36 -22.78 -0.05
CA GLU B 234 6.37 -22.73 0.08
C GLU B 234 7.88 -22.60 -0.13
N LEU B 235 8.30 -21.83 -1.14
CA LEU B 235 9.71 -21.54 -1.40
C LEU B 235 10.35 -20.66 -0.32
N TYR B 236 9.71 -19.53 -0.03
CA TYR B 236 10.16 -18.67 1.07
C TYR B 236 10.23 -19.45 2.40
N LYS B 237 9.15 -20.15 2.75
CA LYS B 237 9.09 -20.95 3.98
C LYS B 237 10.26 -21.94 4.07
N ALA B 238 10.65 -22.49 2.91
CA ALA B 238 11.74 -23.46 2.80
C ALA B 238 13.13 -22.82 2.77
N GLY B 239 13.19 -21.51 2.58
CA GLY B 239 14.47 -20.80 2.60
C GLY B 239 15.07 -20.55 1.23
N LYS B 240 14.43 -21.05 0.17
CA LYS B 240 14.93 -20.80 -1.17
C LYS B 240 14.45 -19.43 -1.65
N VAL B 241 15.02 -18.40 -1.06
CA VAL B 241 14.47 -17.04 -1.15
C VAL B 241 14.62 -16.36 -2.52
N ASP B 242 15.69 -16.65 -3.25
CA ASP B 242 15.89 -16.06 -4.57
C ASP B 242 14.92 -16.64 -5.62
N GLN B 243 14.66 -17.95 -5.51
CA GLN B 243 13.74 -18.64 -6.43
C GLN B 243 12.30 -18.15 -6.21
N ALA B 244 11.90 -18.02 -4.95
CA ALA B 244 10.62 -17.40 -4.61
C ALA B 244 10.51 -15.99 -5.19
N MET B 245 11.51 -15.15 -4.91
CA MET B 245 11.51 -13.77 -5.39
C MET B 245 11.39 -13.69 -6.92
N GLU B 246 12.03 -14.62 -7.62
CA GLU B 246 11.98 -14.67 -9.09
C GLU B 246 10.58 -15.03 -9.61
N LEU B 247 9.94 -15.99 -8.97
CA LEU B 247 8.60 -16.42 -9.35
C LEU B 247 7.65 -15.30 -9.03
N HIS B 248 7.85 -14.71 -7.86
CA HIS B 248 7.01 -13.64 -7.39
C HIS B 248 7.04 -12.41 -8.31
N ARG B 249 8.23 -12.08 -8.82
CA ARG B 249 8.37 -11.00 -9.80
C ARG B 249 7.43 -11.22 -10.98
N LYS B 250 7.45 -12.42 -11.55
CA LYS B 250 6.61 -12.74 -12.70
C LYS B 250 5.12 -12.69 -12.34
N ALA B 251 4.78 -13.26 -11.18
CA ALA B 251 3.40 -13.30 -10.73
C ALA B 251 2.87 -11.89 -10.52
N ALA B 252 3.66 -11.03 -9.87
CA ALA B 252 3.30 -9.61 -9.70
C ALA B 252 2.93 -8.95 -11.02
N LEU B 253 3.75 -9.16 -12.04
CA LEU B 253 3.51 -8.65 -13.39
C LEU B 253 2.18 -9.12 -13.98
N ALA B 254 1.78 -10.36 -13.65
CA ALA B 254 0.56 -10.96 -14.21
C ALA B 254 -0.72 -10.49 -13.52
N GLU B 255 -0.61 -10.13 -12.25
CA GLU B 255 -1.70 -9.58 -11.46
C GLU B 255 -1.81 -8.06 -11.70
N SER B 256 -2.09 -7.69 -12.95
CA SER B 256 -2.11 -6.30 -13.39
C SER B 256 -3.55 -5.86 -13.71
N PRO B 257 -4.34 -6.73 -14.38
CA PRO B 257 -5.76 -6.38 -14.48
C PRO B 257 -6.57 -7.14 -13.43
N GLY B 261 -11.84 -4.57 -11.03
CA GLY B 261 -11.56 -5.38 -9.83
C GLY B 261 -12.12 -6.80 -9.92
N ILE B 262 -13.42 -6.93 -9.63
CA ILE B 262 -14.07 -8.24 -9.51
C ILE B 262 -14.40 -8.93 -10.84
N ALA B 263 -14.89 -8.17 -11.80
CA ALA B 263 -15.28 -8.71 -13.10
C ALA B 263 -14.08 -9.30 -13.86
N THR B 264 -12.92 -8.70 -13.64
CA THR B 264 -11.71 -9.05 -14.34
C THR B 264 -11.12 -10.32 -13.75
N THR B 265 -11.02 -10.38 -12.43
CA THR B 265 -10.68 -11.59 -11.70
C THR B 265 -11.57 -12.80 -12.07
N LYS B 266 -12.90 -12.59 -12.13
CA LYS B 266 -13.82 -13.66 -12.50
C LYS B 266 -13.47 -14.21 -13.88
N TYR B 267 -13.23 -13.29 -14.82
CA TYR B 267 -12.88 -13.65 -16.19
C TYR B 267 -11.55 -14.42 -16.25
N ALA B 268 -10.55 -13.98 -15.49
CA ALA B 268 -9.27 -14.65 -15.50
C ALA B 268 -9.44 -16.06 -14.91
N ALA B 269 -10.17 -16.17 -13.80
CA ALA B 269 -10.49 -17.48 -13.24
C ALA B 269 -11.18 -18.34 -14.29
N ALA B 270 -12.08 -17.74 -15.06
CA ALA B 270 -12.77 -18.51 -16.11
C ALA B 270 -11.83 -19.15 -17.14
N ILE B 271 -10.82 -18.44 -17.62
CA ILE B 271 -10.04 -19.01 -18.73
C ILE B 271 -8.79 -19.76 -18.27
N PHE B 272 -8.48 -19.65 -16.97
CA PHE B 272 -7.36 -20.37 -16.40
C PHE B 272 -7.77 -21.45 -15.40
N SER B 273 -7.94 -21.08 -14.12
CA SER B 273 -8.22 -22.08 -13.08
C SER B 273 -9.52 -22.90 -13.31
N ALA B 274 -10.59 -22.24 -13.72
CA ALA B 274 -11.86 -22.90 -13.87
C ALA B 274 -11.81 -23.98 -14.97
N LYS B 275 -11.18 -23.66 -16.10
CA LYS B 275 -10.93 -24.63 -17.16
C LYS B 275 -9.98 -25.74 -16.71
N ALA B 276 -8.95 -25.39 -15.95
CA ALA B 276 -8.08 -26.43 -15.36
C ALA B 276 -8.90 -27.37 -14.46
N ALA B 277 -9.90 -26.81 -13.76
CA ALA B 277 -10.81 -27.61 -12.94
C ALA B 277 -11.79 -28.46 -13.78
N GLY B 278 -11.77 -28.30 -15.10
CA GLY B 278 -12.63 -29.09 -15.99
C GLY B 278 -14.07 -28.56 -16.08
N ILE B 279 -14.25 -27.26 -15.77
CA ILE B 279 -15.56 -26.64 -15.83
C ILE B 279 -15.84 -26.14 -17.25
N GLU B 280 -16.93 -26.62 -17.84
CA GLU B 280 -17.33 -26.14 -19.17
C GLU B 280 -18.15 -24.85 -19.09
N ASP B 281 -18.05 -24.04 -20.14
CA ASP B 281 -18.71 -22.75 -20.26
C ASP B 281 -18.43 -21.82 -19.08
N ALA B 282 -17.21 -21.90 -18.56
CA ALA B 282 -16.82 -21.13 -17.38
C ALA B 282 -17.06 -19.64 -17.59
N GLU B 283 -16.76 -19.15 -18.80
CA GLU B 283 -16.91 -17.72 -19.09
C GLU B 283 -18.32 -17.18 -18.81
N GLU B 284 -19.33 -17.88 -19.34
CA GLU B 284 -20.73 -17.52 -19.14
C GLU B 284 -21.11 -17.60 -17.67
N LYS B 285 -20.59 -18.63 -16.98
CA LYS B 285 -20.90 -18.86 -15.58
C LYS B 285 -20.16 -17.94 -14.62
N LEU B 286 -19.17 -17.21 -15.13
CA LEU B 286 -18.42 -16.32 -14.27
C LEU B 286 -18.61 -14.85 -14.63
N ARG B 287 -19.74 -14.52 -15.25
CA ARG B 287 -20.19 -13.14 -15.33
C ARG B 287 -20.51 -12.61 -13.93
N PRO B 288 -20.29 -11.31 -13.71
CA PRO B 288 -20.76 -10.63 -12.52
C PRO B 288 -22.28 -10.86 -12.39
N ARG B 289 -22.80 -10.95 -11.18
CA ARG B 289 -24.24 -11.11 -11.04
C ARG B 289 -24.98 -9.86 -11.60
N LYS B 290 -26.10 -10.06 -12.29
CA LYS B 290 -27.05 -8.97 -12.62
C LYS B 290 -27.22 -7.99 -11.44
N PRO B 291 -27.23 -6.68 -11.72
CA PRO B 291 -27.22 -6.08 -13.07
C PRO B 291 -25.86 -5.67 -13.63
N TYR B 292 -24.76 -6.07 -12.98
CA TYR B 292 -23.42 -5.56 -13.36
C TYR B 292 -22.86 -6.09 -14.67
N ASP B 293 -21.99 -5.30 -15.30
CA ASP B 293 -21.46 -5.65 -16.60
C ASP B 293 -20.20 -6.50 -16.49
N PRO B 294 -20.08 -7.51 -17.37
CA PRO B 294 -18.82 -8.23 -17.55
C PRO B 294 -17.75 -7.29 -18.12
N PRO B 295 -16.47 -7.67 -18.00
CA PRO B 295 -15.43 -6.81 -18.61
C PRO B 295 -15.55 -6.70 -20.12
N SER B 296 -15.04 -5.58 -20.65
CA SER B 296 -14.99 -5.32 -22.08
C SER B 296 -14.08 -6.30 -22.79
N GLU B 297 -14.19 -6.35 -24.11
CA GLU B 297 -13.35 -7.22 -24.92
C GLU B 297 -11.87 -6.82 -24.86
N ALA B 298 -11.64 -5.50 -24.75
CA ALA B 298 -10.29 -4.94 -24.56
C ALA B 298 -9.70 -5.37 -23.22
N ALA B 299 -10.56 -5.51 -22.20
CA ALA B 299 -10.12 -5.99 -20.90
C ALA B 299 -9.74 -7.46 -20.99
N LYS B 300 -10.54 -8.21 -21.76
CA LYS B 300 -10.34 -9.63 -21.93
C LYS B 300 -9.02 -9.97 -22.66
N GLN B 301 -8.65 -9.16 -23.66
CA GLN B 301 -7.40 -9.33 -24.41
C GLN B 301 -6.18 -9.00 -23.54
N GLU B 302 -6.23 -7.87 -22.84
CA GLU B 302 -5.18 -7.48 -21.88
C GLU B 302 -4.87 -8.63 -20.88
N VAL B 303 -5.91 -9.22 -20.31
CA VAL B 303 -5.77 -10.35 -19.40
C VAL B 303 -5.04 -11.49 -20.10
N ARG B 304 -5.51 -11.86 -21.29
CA ARG B 304 -4.93 -13.00 -21.99
C ARG B 304 -3.44 -12.79 -22.23
N LYS B 305 -3.07 -11.54 -22.53
CA LYS B 305 -1.69 -11.19 -22.91
C LYS B 305 -0.77 -11.20 -21.71
N VAL B 306 -1.17 -10.44 -20.70
CA VAL B 306 -0.34 -10.22 -19.52
C VAL B 306 -0.21 -11.47 -18.61
N MET B 307 -1.14 -12.40 -18.74
CA MET B 307 -1.12 -13.60 -17.90
C MET B 307 -0.56 -14.85 -18.58
N ALA B 308 -0.24 -14.74 -19.88
CA ALA B 308 0.25 -15.86 -20.69
C ALA B 308 1.43 -16.61 -20.11
N GLU B 309 2.34 -15.87 -19.49
CA GLU B 309 3.60 -16.39 -19.04
C GLU B 309 3.43 -17.14 -17.73
N VAL B 310 2.69 -16.53 -16.81
CA VAL B 310 2.42 -17.17 -15.54
C VAL B 310 1.50 -18.38 -15.71
N ALA B 311 0.63 -18.33 -16.71
CA ALA B 311 -0.16 -19.50 -17.12
C ALA B 311 0.71 -20.70 -17.46
N ALA B 312 1.78 -20.49 -18.23
CA ALA B 312 2.65 -21.59 -18.63
C ALA B 312 3.45 -22.11 -17.42
N ILE B 313 3.92 -21.19 -16.61
CA ILE B 313 4.49 -21.58 -15.32
C ILE B 313 3.49 -22.45 -14.52
N GLU B 314 2.28 -21.96 -14.34
CA GLU B 314 1.25 -22.73 -13.62
C GLU B 314 1.03 -24.14 -14.20
N ALA B 315 0.94 -24.24 -15.52
CA ALA B 315 0.74 -25.53 -16.20
C ALA B 315 1.82 -26.60 -15.86
N GLY B 316 3.04 -26.14 -15.58
CA GLY B 316 4.16 -27.02 -15.27
C GLY B 316 4.49 -27.16 -13.79
N LEU B 317 3.61 -26.65 -12.91
CA LEU B 317 3.73 -26.87 -11.46
C LEU B 317 2.94 -28.09 -11.01
N SER B 318 3.48 -28.79 -10.00
CA SER B 318 2.81 -29.96 -9.40
C SER B 318 1.62 -29.53 -8.53
CA CA C . 25.76 11.54 18.85
CL CL D . 21.43 13.48 16.52
CL CL E . 18.26 24.00 20.41
CL CL F . 18.07 32.80 4.71
CA CA G . -1.98 -30.92 -5.08
CL CL H . -2.62 -26.25 -14.79
CL CL I . 6.80 -28.03 -9.04
CL CL J . -30.62 -20.40 6.24
C1 EDO K . -34.02 -14.17 -14.51
O1 EDO K . -32.69 -14.19 -15.07
C2 EDO K . -34.03 -13.72 -13.04
O2 EDO K . -33.98 -12.28 -12.92
C1 EDO L . -18.52 -11.04 3.38
O1 EDO L . -17.47 -10.05 3.46
C2 EDO L . -19.88 -10.39 3.33
O2 EDO L . -20.61 -10.63 4.54
#